data_7Y03
#
_entry.id   7Y03
#
_cell.length_a   67.525
_cell.length_b   67.525
_cell.length_c   141.432
_cell.angle_alpha   90.000
_cell.angle_beta   90.000
_cell.angle_gamma   90.000
#
_symmetry.space_group_name_H-M   'P 41 21 2'
#
loop_
_entity.id
_entity.type
_entity.pdbx_description
1 polymer 'Ricin A chain'
2 non-polymer '(2S)-2-[(2-azanyl-4-oxidanylidene-3H-pteridin-7-yl)carbonylamino]-2-phenyl-ethanoic acid'
3 non-polymer 'SULFATE ION'
4 water water
#
_entity_poly.entity_id   1
_entity_poly.type   'polypeptide(L)'
_entity_poly.pdbx_seq_one_letter_code
;MHHHHHHIFPKQYPIINFTTAGATVQSYTNFIRAVRGRLTTGADVRHEIPVLPNRVGLPINQRFILVELSNHAELSVTLA
LDVTNAYVVGYRAGNSAYFFHPDNQEDAEAITHLFTDVQNRYTFAFGGNYDRLEQLAGNLRENIELGNGPLEEAISALYY
YSTGGTQLPTLARSFIICIQMISEAARFQYIEGEMRTRIRYNRRSAPDPSVITLENSWGRLSTAIQESNQGAFASPIQLQ
RRNGSKFSVYDVSILIPIIALMVYRCAPPPSSQF
;
_entity_poly.pdbx_strand_id   A
#
# COMPACT_ATOMS: atom_id res chain seq x y z
N GLN A 12 -18.48 9.84 3.31
CA GLN A 12 -18.46 9.29 4.70
C GLN A 12 -17.08 8.78 5.11
N TYR A 13 -16.43 8.02 4.22
CA TYR A 13 -15.07 7.52 4.44
C TYR A 13 -14.06 8.67 4.46
N PRO A 14 -13.05 8.60 5.35
CA PRO A 14 -12.05 9.65 5.46
C PRO A 14 -11.23 9.80 4.18
N ILE A 15 -10.87 11.05 3.86
CA ILE A 15 -10.10 11.36 2.66
C ILE A 15 -8.76 11.98 3.07
N ILE A 16 -7.68 11.47 2.47
CA ILE A 16 -6.35 12.05 2.62
C ILE A 16 -5.90 12.55 1.25
N ASN A 17 -5.45 13.80 1.19
CA ASN A 17 -5.01 14.43 -0.06
C ASN A 17 -3.50 14.49 -0.18
N PHE A 18 -3.00 14.15 -1.36
CA PHE A 18 -1.59 14.34 -1.71
C PHE A 18 -1.48 14.81 -3.15
N THR A 19 -0.54 15.72 -3.39
CA THR A 19 -0.21 16.13 -4.73
C THR A 19 1.27 15.92 -5.06
N THR A 20 1.52 15.46 -6.28
CA THR A 20 2.87 15.33 -6.80
C THR A 20 3.42 16.69 -7.23
N ALA A 21 2.52 17.65 -7.44
CA ALA A 21 2.89 19.01 -7.85
C ALA A 21 3.67 19.69 -6.73
N GLY A 22 4.95 19.96 -7.01
CA GLY A 22 5.88 20.53 -6.02
C GLY A 22 6.05 19.71 -4.75
N ALA A 23 5.91 18.39 -4.87
CA ALA A 23 6.06 17.49 -3.72
C ALA A 23 7.46 17.59 -3.14
N THR A 24 7.52 17.55 -1.81
CA THR A 24 8.80 17.57 -1.09
C THR A 24 8.84 16.38 -0.15
N VAL A 25 10.02 16.15 0.43
CA VAL A 25 10.16 15.12 1.47
C VAL A 25 9.13 15.34 2.57
N GLN A 26 9.00 16.59 3.03
CA GLN A 26 8.06 16.91 4.11
C GLN A 26 6.59 16.68 3.73
N SER A 27 6.18 17.11 2.53
CA SER A 27 4.79 16.92 2.13
C SER A 27 4.44 15.44 1.96
N TYR A 28 5.36 14.67 1.42
CA TYR A 28 5.19 13.22 1.32
C TYR A 28 5.14 12.54 2.69
N THR A 29 6.05 12.94 3.59
CA THR A 29 6.08 12.43 4.96
C THR A 29 4.75 12.72 5.68
N ASN A 30 4.25 13.95 5.56
CA ASN A 30 2.96 14.32 6.13
C ASN A 30 1.83 13.43 5.62
N PHE A 31 1.86 13.19 4.31
CA PHE A 31 0.88 12.34 3.63
C PHE A 31 0.88 10.91 4.17
N ILE A 32 2.04 10.26 4.18
CA ILE A 32 2.16 8.88 4.66
C ILE A 32 1.76 8.77 6.15
N ARG A 33 2.17 9.74 6.97
CA ARG A 33 1.75 9.81 8.37
CA ARG A 33 1.76 9.80 8.38
C ARG A 33 0.23 9.86 8.51
N ALA A 34 -0.40 10.70 7.69
CA ALA A 34 -1.86 10.83 7.70
C ALA A 34 -2.57 9.55 7.26
N VAL A 35 -2.03 8.88 6.23
CA VAL A 35 -2.58 7.59 5.77
C VAL A 35 -2.53 6.56 6.90
N ARG A 36 -1.36 6.42 7.53
CA ARG A 36 -1.20 5.50 8.66
C ARG A 36 -2.18 5.79 9.79
N GLY A 37 -2.38 7.08 10.08
CA GLY A 37 -3.30 7.53 11.13
C GLY A 37 -4.74 7.14 10.88
N ARG A 38 -5.14 7.10 9.60
CA ARG A 38 -6.48 6.68 9.20
C ARG A 38 -6.63 5.17 9.05
N LEU A 39 -5.51 4.48 8.88
CA LEU A 39 -5.49 3.02 8.75
C LEU A 39 -5.57 2.32 10.12
N THR A 40 -4.75 2.75 11.07
CA THR A 40 -4.71 2.14 12.41
C THR A 40 -5.49 2.96 13.42
N THR A 41 -6.10 2.25 14.38
CA THR A 41 -6.96 2.84 15.40
C THR A 41 -6.23 3.10 16.73
N GLY A 42 -5.09 2.43 16.91
CA GLY A 42 -4.35 2.48 18.17
C GLY A 42 -4.74 1.38 19.15
N ALA A 43 -5.75 0.59 18.80
CA ALA A 43 -6.27 -0.49 19.63
C ALA A 43 -5.32 -1.69 19.76
N ASP A 44 -4.42 -1.83 18.78
CA ASP A 44 -3.59 -3.02 18.65
C ASP A 44 -2.16 -2.66 18.31
N VAL A 45 -1.28 -2.72 19.32
CA VAL A 45 0.14 -2.42 19.16
C VAL A 45 0.92 -3.54 19.82
N ARG A 46 1.76 -4.22 19.05
CA ARG A 46 2.51 -5.38 19.54
C ARG A 46 3.99 -5.23 19.23
N HIS A 47 4.81 -5.33 20.27
CA HIS A 47 6.26 -5.07 20.21
C HIS A 47 6.57 -3.72 19.54
N GLU A 48 5.80 -2.71 19.93
CA GLU A 48 5.89 -1.32 19.43
C GLU A 48 5.34 -1.12 18.01
N ILE A 49 4.90 -2.20 17.36
CA ILE A 49 4.40 -2.13 15.98
C ILE A 49 2.87 -2.24 15.93
N PRO A 50 2.20 -1.20 15.39
CA PRO A 50 0.75 -1.22 15.22
C PRO A 50 0.26 -2.31 14.27
N VAL A 51 -0.90 -2.86 14.59
CA VAL A 51 -1.58 -3.85 13.76
C VAL A 51 -2.84 -3.21 13.21
N LEU A 52 -3.10 -3.44 11.94
CA LEU A 52 -4.31 -2.98 11.26
C LEU A 52 -5.56 -3.66 11.83
N PRO A 53 -6.75 -3.04 11.67
CA PRO A 53 -7.97 -3.65 12.22
C PRO A 53 -8.22 -5.06 11.70
N ASN A 54 -8.71 -5.92 12.59
CA ASN A 54 -9.18 -7.24 12.23
C ASN A 54 -10.42 -7.12 11.34
N ARG A 55 -10.44 -7.87 10.23
CA ARG A 55 -11.61 -7.88 9.34
C ARG A 55 -12.86 -8.46 10.01
N VAL A 56 -12.65 -9.40 10.95
CA VAL A 56 -13.74 -10.09 11.66
C VAL A 56 -14.49 -9.11 12.55
N GLY A 57 -15.76 -8.89 12.21
CA GLY A 57 -16.64 -7.99 12.95
C GLY A 57 -16.44 -6.50 12.69
N LEU A 58 -15.63 -6.17 11.68
CA LEU A 58 -15.37 -4.78 11.33
C LEU A 58 -16.55 -4.18 10.55
N PRO A 59 -17.19 -3.13 11.11
CA PRO A 59 -18.36 -2.54 10.46
C PRO A 59 -17.99 -1.86 9.13
N ILE A 60 -18.89 -1.96 8.16
CA ILE A 60 -18.65 -1.47 6.79
C ILE A 60 -18.36 0.04 6.72
N ASN A 61 -18.95 0.82 7.63
CA ASN A 61 -18.70 2.26 7.71
C ASN A 61 -17.27 2.64 8.15
N GLN A 62 -16.50 1.62 8.53
CA GLN A 62 -15.12 1.78 8.99
C GLN A 62 -14.12 1.05 8.10
N ARG A 63 -14.58 0.50 6.97
CA ARG A 63 -13.80 -0.43 6.16
C ARG A 63 -12.77 0.19 5.21
N PHE A 64 -13.03 1.42 4.76
CA PHE A 64 -12.20 2.05 3.73
C PHE A 64 -11.70 3.44 4.10
N ILE A 65 -10.57 3.79 3.50
CA ILE A 65 -10.11 5.18 3.44
C ILE A 65 -9.91 5.57 1.97
N LEU A 66 -9.98 6.87 1.71
CA LEU A 66 -9.84 7.40 0.36
C LEU A 66 -8.59 8.25 0.27
N VAL A 67 -7.82 8.02 -0.78
CA VAL A 67 -6.59 8.76 -1.04
C VAL A 67 -6.78 9.52 -2.34
N GLU A 68 -6.93 10.84 -2.22
CA GLU A 68 -7.13 11.71 -3.39
C GLU A 68 -5.77 12.22 -3.86
N LEU A 69 -5.38 11.75 -5.04
CA LEU A 69 -4.10 12.12 -5.65
C LEU A 69 -4.31 13.16 -6.73
N SER A 70 -3.61 14.29 -6.58
CA SER A 70 -3.60 15.34 -7.60
C SER A 70 -2.20 15.45 -8.18
N ASN A 71 -2.11 16.03 -9.38
CA ASN A 71 -0.81 16.23 -10.02
C ASN A 71 -0.60 17.62 -10.62
N HIS A 72 0.60 17.85 -11.15
CA HIS A 72 0.93 19.13 -11.78
C HIS A 72 0.08 19.41 -13.03
N ALA A 73 -0.34 18.35 -13.71
CA ALA A 73 -1.24 18.43 -14.87
C ALA A 73 -2.68 18.84 -14.52
N GLU A 74 -2.92 19.15 -13.24
CA GLU A 74 -4.24 19.55 -12.70
C GLU A 74 -5.32 18.47 -12.80
N LEU A 75 -4.88 17.22 -12.67
CA LEU A 75 -5.80 16.08 -12.70
C LEU A 75 -5.83 15.43 -11.34
N SER A 76 -6.96 14.81 -11.01
CA SER A 76 -7.14 14.10 -9.75
C SER A 76 -7.74 12.73 -9.96
N VAL A 77 -7.26 11.77 -9.17
CA VAL A 77 -7.87 10.44 -9.03
C VAL A 77 -8.00 10.12 -7.54
N THR A 78 -9.01 9.32 -7.19
CA THR A 78 -9.19 8.91 -5.80
C THR A 78 -9.06 7.39 -5.68
N LEU A 79 -8.06 6.94 -4.93
CA LEU A 79 -7.88 5.53 -4.63
C LEU A 79 -8.65 5.16 -3.38
N ALA A 80 -9.20 3.95 -3.37
CA ALA A 80 -9.86 3.41 -2.19
C ALA A 80 -9.01 2.29 -1.62
N LEU A 81 -8.71 2.39 -0.32
CA LEU A 81 -7.89 1.43 0.40
C LEU A 81 -8.69 0.74 1.49
N ASP A 82 -8.59 -0.58 1.53
CA ASP A 82 -9.16 -1.42 2.59
C ASP A 82 -8.29 -1.24 3.83
N VAL A 83 -8.88 -0.84 4.96
CA VAL A 83 -8.13 -0.55 6.19
C VAL A 83 -7.49 -1.78 6.83
N THR A 84 -7.99 -2.97 6.51
CA THR A 84 -7.47 -4.20 7.11
C THR A 84 -6.07 -4.56 6.57
N ASN A 85 -5.74 -4.07 5.39
CA ASN A 85 -4.49 -4.47 4.74
C ASN A 85 -3.85 -3.39 3.87
N ALA A 86 -4.44 -2.19 3.84
CA ALA A 86 -4.05 -1.07 2.96
C ALA A 86 -4.15 -1.39 1.46
N TYR A 87 -4.90 -2.45 1.12
CA TYR A 87 -5.02 -2.90 -0.27
C TYR A 87 -5.81 -1.89 -1.09
N VAL A 88 -5.26 -1.53 -2.24
CA VAL A 88 -5.93 -0.63 -3.17
C VAL A 88 -6.96 -1.45 -3.94
N VAL A 89 -8.24 -1.22 -3.65
CA VAL A 89 -9.33 -2.01 -4.24
C VAL A 89 -9.84 -1.45 -5.56
N GLY A 90 -9.56 -0.17 -5.81
CA GLY A 90 -10.00 0.50 -7.02
C GLY A 90 -9.80 2.00 -6.95
N TYR A 91 -10.31 2.70 -7.95
CA TYR A 91 -10.16 4.15 -8.03
C TYR A 91 -11.32 4.84 -8.74
N ARG A 92 -11.46 6.14 -8.47
CA ARG A 92 -12.40 7.01 -9.17
C ARG A 92 -11.63 8.06 -9.96
N ALA A 93 -12.01 8.23 -11.23
CA ALA A 93 -11.57 9.36 -12.04
C ALA A 93 -12.80 10.01 -12.68
N GLY A 94 -13.17 11.17 -12.15
CA GLY A 94 -14.33 11.93 -12.60
C GLY A 94 -15.63 11.15 -12.49
N ASN A 95 -16.22 10.86 -13.65
CA ASN A 95 -17.53 10.19 -13.75
C ASN A 95 -17.47 8.65 -13.80
N SER A 96 -16.27 8.09 -13.68
CA SER A 96 -16.07 6.63 -13.72
C SER A 96 -15.28 6.10 -12.54
N ALA A 97 -15.68 4.93 -12.05
CA ALA A 97 -14.96 4.19 -11.02
C ALA A 97 -14.61 2.79 -11.51
N TYR A 98 -13.43 2.32 -11.11
CA TYR A 98 -12.89 1.04 -11.54
C TYR A 98 -12.40 0.24 -10.35
N PHE A 99 -12.86 -1.00 -10.24
CA PHE A 99 -12.47 -1.88 -9.13
C PHE A 99 -11.82 -3.14 -9.66
N PHE A 100 -10.78 -3.60 -8.97
CA PHE A 100 -10.18 -4.90 -9.28
C PHE A 100 -11.17 -6.02 -9.01
N HIS A 101 -11.03 -7.13 -9.74
CA HIS A 101 -11.85 -8.31 -9.51
C HIS A 101 -11.64 -8.76 -8.06
N PRO A 102 -12.72 -8.73 -7.25
CA PRO A 102 -12.57 -9.03 -5.81
C PRO A 102 -12.18 -10.47 -5.55
N ASP A 103 -11.34 -10.67 -4.52
CA ASP A 103 -10.81 -11.98 -4.15
C ASP A 103 -11.83 -12.92 -3.50
N ASN A 104 -12.87 -12.33 -2.91
CA ASN A 104 -13.96 -13.07 -2.26
C ASN A 104 -15.29 -12.33 -2.27
N GLN A 105 -16.34 -12.99 -1.78
CA GLN A 105 -17.70 -12.42 -1.72
C GLN A 105 -17.82 -11.21 -0.78
N GLU A 106 -17.17 -11.29 0.38
CA GLU A 106 -17.16 -10.19 1.36
C GLU A 106 -16.56 -8.92 0.76
N ASP A 107 -15.42 -9.05 0.08
CA ASP A 107 -14.75 -7.91 -0.53
C ASP A 107 -15.52 -7.38 -1.76
N ALA A 108 -16.23 -8.28 -2.44
CA ALA A 108 -17.15 -7.90 -3.52
C ALA A 108 -18.32 -7.07 -3.02
N GLU A 109 -18.90 -7.48 -1.88
CA GLU A 109 -19.98 -6.71 -1.23
C GLU A 109 -19.47 -5.35 -0.76
N ALA A 110 -18.27 -5.35 -0.16
CA ALA A 110 -17.69 -4.14 0.44
C ALA A 110 -17.52 -2.99 -0.56
N ILE A 111 -17.08 -3.30 -1.78
CA ILE A 111 -16.83 -2.28 -2.82
C ILE A 111 -18.11 -1.60 -3.35
N THR A 112 -19.27 -2.21 -3.13
CA THR A 112 -20.57 -1.60 -3.48
C THR A 112 -20.86 -0.36 -2.61
N HIS A 113 -20.13 -0.22 -1.50
CA HIS A 113 -20.24 0.93 -0.60
C HIS A 113 -19.31 2.09 -0.98
N LEU A 114 -18.52 1.89 -2.04
CA LEU A 114 -17.56 2.89 -2.51
C LEU A 114 -18.01 3.60 -3.77
N PHE A 115 -17.76 4.91 -3.81
CA PHE A 115 -18.09 5.80 -4.94
C PHE A 115 -19.52 5.59 -5.44
N THR A 116 -20.48 5.67 -4.51
CA THR A 116 -21.88 5.36 -4.78
C THR A 116 -22.60 6.41 -5.66
N ASP A 117 -22.03 7.61 -5.72
CA ASP A 117 -22.59 8.71 -6.51
C ASP A 117 -22.04 8.81 -7.93
N VAL A 118 -21.11 7.91 -8.28
CA VAL A 118 -20.44 7.91 -9.58
C VAL A 118 -21.37 7.39 -10.70
N GLN A 119 -21.25 7.99 -11.88
CA GLN A 119 -22.13 7.68 -13.02
C GLN A 119 -21.88 6.28 -13.61
N ASN A 120 -20.60 5.93 -13.74
CA ASN A 120 -20.18 4.65 -14.34
C ASN A 120 -19.37 3.80 -13.38
N ARG A 121 -19.84 2.57 -13.16
CA ARG A 121 -19.17 1.61 -12.27
C ARG A 121 -18.65 0.43 -13.08
N TYR A 122 -17.35 0.18 -12.98
CA TYR A 122 -16.73 -0.95 -13.65
C TYR A 122 -15.96 -1.81 -12.67
N THR A 123 -16.05 -3.13 -12.87
CA THR A 123 -15.19 -4.08 -12.19
C THR A 123 -14.32 -4.74 -13.26
N PHE A 124 -13.01 -4.61 -13.10
CA PHE A 124 -12.03 -5.30 -13.94
C PHE A 124 -12.21 -6.81 -13.84
N ALA A 125 -11.94 -7.49 -14.95
CA ALA A 125 -11.97 -8.95 -14.98
C ALA A 125 -10.71 -9.56 -14.38
N PHE A 126 -9.73 -8.71 -14.06
CA PHE A 126 -8.47 -9.13 -13.43
C PHE A 126 -8.37 -8.66 -11.98
N GLY A 127 -7.73 -9.48 -11.15
CA GLY A 127 -7.43 -9.12 -9.76
C GLY A 127 -6.28 -8.12 -9.69
N GLY A 128 -6.11 -7.54 -8.50
CA GLY A 128 -5.16 -6.45 -8.32
C GLY A 128 -3.82 -6.76 -7.67
N ASN A 129 -3.48 -8.03 -7.49
CA ASN A 129 -2.19 -8.41 -6.91
C ASN A 129 -1.04 -8.12 -7.88
N TYR A 130 0.17 -7.94 -7.34
CA TYR A 130 1.34 -7.62 -8.17
C TYR A 130 1.55 -8.59 -9.32
N ASP A 131 1.42 -9.89 -9.06
CA ASP A 131 1.67 -10.91 -10.09
C ASP A 131 0.79 -10.73 -11.34
N ARG A 132 -0.49 -10.47 -11.12
CA ARG A 132 -1.44 -10.19 -12.20
C ARG A 132 -1.13 -8.85 -12.90
N LEU A 133 -0.80 -7.83 -12.11
CA LEU A 133 -0.52 -6.51 -12.65
C LEU A 133 0.77 -6.46 -13.45
N GLU A 134 1.79 -7.19 -12.98
CA GLU A 134 3.06 -7.33 -13.70
C GLU A 134 2.89 -8.03 -15.04
N GLN A 135 2.06 -9.07 -15.07
CA GLN A 135 1.69 -9.79 -16.30
C GLN A 135 1.12 -8.83 -17.34
N LEU A 136 0.16 -8.01 -16.90
CA LEU A 136 -0.49 -7.02 -17.77
C LEU A 136 0.41 -5.87 -18.18
N ALA A 137 1.30 -5.45 -17.27
CA ALA A 137 2.26 -4.38 -17.54
C ALA A 137 3.36 -4.80 -18.52
N GLY A 138 3.64 -6.10 -18.56
CA GLY A 138 4.76 -6.64 -19.33
C GLY A 138 6.10 -6.33 -18.70
N ASN A 139 6.08 -5.98 -17.42
CA ASN A 139 7.27 -5.67 -16.64
C ASN A 139 7.07 -6.05 -15.18
N LEU A 140 8.15 -6.51 -14.56
CA LEU A 140 8.18 -6.80 -13.13
C LEU A 140 8.42 -5.52 -12.35
N ARG A 141 8.06 -5.53 -11.06
CA ARG A 141 8.35 -4.43 -10.14
C ARG A 141 9.82 -3.98 -10.20
N GLU A 142 10.74 -4.94 -10.30
CA GLU A 142 12.19 -4.66 -10.37
C GLU A 142 12.62 -3.78 -11.56
N ASN A 143 11.74 -3.65 -12.56
CA ASN A 143 12.02 -2.86 -13.75
C ASN A 143 11.11 -1.64 -13.94
N ILE A 144 10.25 -1.37 -12.95
CA ILE A 144 9.33 -0.24 -13.00
C ILE A 144 9.84 0.88 -12.07
N GLU A 145 10.18 2.01 -12.67
CA GLU A 145 10.73 3.15 -11.93
C GLU A 145 9.70 3.79 -11.00
N LEU A 146 10.17 4.14 -9.81
CA LEU A 146 9.36 4.81 -8.80
C LEU A 146 9.95 6.17 -8.48
N GLY A 147 9.11 7.06 -7.99
CA GLY A 147 9.50 8.44 -7.67
C GLY A 147 8.37 9.39 -7.93
N ASN A 148 8.61 10.68 -7.72
CA ASN A 148 7.58 11.69 -7.94
C ASN A 148 7.14 11.79 -9.40
N GLY A 149 8.10 11.73 -10.32
CA GLY A 149 7.84 11.71 -11.76
C GLY A 149 6.94 10.55 -12.18
N PRO A 150 7.34 9.29 -11.86
CA PRO A 150 6.46 8.14 -12.11
C PRO A 150 5.05 8.30 -11.53
N LEU A 151 4.93 8.82 -10.31
CA LEU A 151 3.62 9.02 -9.68
C LEU A 151 2.78 10.09 -10.38
N GLU A 152 3.41 11.22 -10.72
CA GLU A 152 2.80 12.28 -11.54
C GLU A 152 2.18 11.69 -12.81
N GLU A 153 2.97 10.88 -13.51
CA GLU A 153 2.58 10.23 -14.76
C GLU A 153 1.50 9.16 -14.54
N ALA A 154 1.61 8.43 -13.43
CA ALA A 154 0.63 7.39 -13.07
C ALA A 154 -0.76 7.99 -12.85
N ILE A 155 -0.83 9.15 -12.19
CA ILE A 155 -2.10 9.85 -11.92
C ILE A 155 -2.79 10.23 -13.23
N SER A 156 -2.02 10.81 -14.17
CA SER A 156 -2.54 11.15 -15.50
C SER A 156 -3.04 9.92 -16.27
N ALA A 157 -2.28 8.83 -16.21
CA ALA A 157 -2.65 7.56 -16.86
C ALA A 157 -3.94 6.96 -16.33
N LEU A 158 -4.11 6.97 -15.00
CA LEU A 158 -5.36 6.54 -14.37
C LEU A 158 -6.52 7.44 -14.75
N TYR A 159 -6.28 8.75 -14.76
CA TYR A 159 -7.31 9.73 -15.13
C TYR A 159 -7.86 9.51 -16.55
N TYR A 160 -6.98 9.26 -17.51
CA TYR A 160 -7.36 9.17 -18.93
C TYR A 160 -7.78 7.79 -19.43
N TYR A 161 -7.83 6.80 -18.53
CA TYR A 161 -8.16 5.41 -18.92
C TYR A 161 -9.54 5.25 -19.58
N SER A 162 -10.56 5.90 -19.02
CA SER A 162 -11.94 5.80 -19.49
C SER A 162 -12.16 6.29 -20.93
N THR A 163 -11.33 7.25 -21.35
CA THR A 163 -11.44 7.86 -22.69
C THR A 163 -10.62 7.14 -23.77
N GLY A 164 -9.85 6.14 -23.36
CA GLY A 164 -9.07 5.31 -24.28
C GLY A 164 -7.64 5.75 -24.53
N GLY A 165 -7.20 6.79 -23.81
CA GLY A 165 -5.85 7.33 -23.95
C GLY A 165 -4.76 6.50 -23.31
N THR A 166 -5.16 5.64 -22.36
CA THR A 166 -4.22 4.83 -21.58
C THR A 166 -4.33 3.35 -21.98
N GLN A 167 -3.21 2.82 -22.48
CA GLN A 167 -3.09 1.39 -22.80
C GLN A 167 -3.08 0.55 -21.53
N LEU A 168 -3.54 -0.69 -21.64
CA LEU A 168 -3.63 -1.61 -20.49
C LEU A 168 -2.29 -1.87 -19.76
N PRO A 169 -1.17 -2.07 -20.52
CA PRO A 169 0.11 -2.18 -19.81
C PRO A 169 0.51 -0.92 -19.01
N THR A 170 0.18 0.26 -19.55
CA THR A 170 0.43 1.54 -18.89
C THR A 170 -0.42 1.69 -17.61
N LEU A 171 -1.69 1.32 -17.70
CA LEU A 171 -2.60 1.34 -16.54
C LEU A 171 -2.09 0.43 -15.42
N ALA A 172 -1.70 -0.80 -15.78
CA ALA A 172 -1.16 -1.78 -14.84
C ALA A 172 0.12 -1.29 -14.16
N ARG A 173 1.04 -0.75 -14.96
CA ARG A 173 2.27 -0.15 -14.46
C ARG A 173 1.98 1.00 -13.49
N SER A 174 0.99 1.82 -13.84
CA SER A 174 0.57 2.95 -13.03
C SER A 174 -0.02 2.52 -11.68
N PHE A 175 -0.79 1.44 -11.67
CA PHE A 175 -1.26 0.84 -10.41
C PHE A 175 -0.08 0.38 -9.56
N ILE A 176 0.88 -0.30 -10.19
CA ILE A 176 2.09 -0.79 -9.51
C ILE A 176 2.85 0.35 -8.83
N ILE A 177 2.96 1.50 -9.51
CA ILE A 177 3.59 2.70 -8.95
C ILE A 177 2.81 3.21 -7.73
N CYS A 178 1.49 3.40 -7.89
CA CYS A 178 0.64 3.91 -6.81
C CYS A 178 0.65 3.04 -5.57
N ILE A 179 0.52 1.72 -5.77
CA ILE A 179 0.46 0.76 -4.68
C ILE A 179 1.74 0.84 -3.84
N GLN A 180 2.90 0.90 -4.49
CA GLN A 180 4.16 0.91 -3.77
C GLN A 180 4.42 2.24 -3.05
N MET A 181 4.07 3.34 -3.71
CA MET A 181 4.36 4.67 -3.16
C MET A 181 3.37 5.11 -2.08
N ILE A 182 2.24 4.41 -2.00
CA ILE A 182 1.21 4.72 -1.00
C ILE A 182 1.11 3.58 0.00
N SER A 183 0.62 2.43 -0.43
CA SER A 183 0.37 1.31 0.47
C SER A 183 1.63 0.71 1.07
N GLU A 184 2.64 0.42 0.24
CA GLU A 184 3.89 -0.14 0.76
C GLU A 184 4.65 0.82 1.63
N ALA A 185 4.63 2.10 1.26
CA ALA A 185 5.23 3.14 2.09
C ALA A 185 4.52 3.26 3.44
N ALA A 186 3.19 3.14 3.45
CA ALA A 186 2.44 3.12 4.72
C ALA A 186 2.81 1.91 5.59
N ARG A 187 2.96 0.75 4.95
CA ARG A 187 3.28 -0.49 5.67
C ARG A 187 4.70 -0.51 6.23
N PHE A 188 5.64 0.08 5.49
CA PHE A 188 7.06 -0.01 5.83
C PHE A 188 7.72 1.35 5.90
N GLN A 189 8.20 1.73 7.09
CA GLN A 189 9.03 2.94 7.22
CA GLN A 189 9.04 2.92 7.25
C GLN A 189 10.21 2.91 6.26
N TYR A 190 10.79 1.72 6.07
CA TYR A 190 11.92 1.56 5.16
C TYR A 190 11.57 1.96 3.72
N ILE A 191 10.39 1.54 3.26
CA ILE A 191 9.97 1.85 1.89
C ILE A 191 9.59 3.33 1.78
N GLU A 192 8.93 3.87 2.79
CA GLU A 192 8.70 5.31 2.88
C GLU A 192 10.02 6.09 2.73
N GLY A 193 11.05 5.64 3.46
CA GLY A 193 12.38 6.25 3.39
C GLY A 193 12.97 6.23 1.99
N GLU A 194 12.82 5.10 1.31
CA GLU A 194 13.29 4.96 -0.06
C GLU A 194 12.57 5.90 -1.04
N MET A 195 11.28 6.15 -0.80
CA MET A 195 10.53 7.10 -1.60
C MET A 195 10.90 8.55 -1.28
N ARG A 196 11.11 8.85 0.01
CA ARG A 196 11.58 10.16 0.46
C ARG A 196 12.88 10.54 -0.25
N THR A 197 13.82 9.60 -0.35
CA THR A 197 15.10 9.80 -1.02
C THR A 197 14.90 10.14 -2.50
N ARG A 198 14.06 9.39 -3.19
CA ARG A 198 13.74 9.66 -4.59
C ARG A 198 13.16 11.05 -4.80
N ILE A 199 12.28 11.47 -3.89
CA ILE A 199 11.65 12.80 -3.94
C ILE A 199 12.68 13.90 -3.66
N ARG A 200 13.50 13.71 -2.62
CA ARG A 200 14.53 14.68 -2.24
C ARG A 200 15.42 15.10 -3.42
N TYR A 201 15.82 14.11 -4.22
CA TYR A 201 16.76 14.35 -5.32
C TYR A 201 16.09 14.39 -6.70
N ASN A 202 14.77 14.24 -6.72
CA ASN A 202 13.96 14.16 -7.95
C ASN A 202 14.54 13.17 -8.96
N ARG A 203 14.92 12.00 -8.45
CA ARG A 203 15.53 10.95 -9.25
C ARG A 203 14.69 9.69 -9.17
N ARG A 204 14.15 9.28 -10.31
CA ARG A 204 13.37 8.07 -10.43
C ARG A 204 14.25 6.83 -10.59
N SER A 205 13.86 5.75 -9.92
CA SER A 205 14.57 4.48 -9.98
C SER A 205 13.66 3.34 -9.58
N ALA A 206 13.90 2.18 -10.19
CA ALA A 206 13.20 0.96 -9.85
C ALA A 206 13.58 0.50 -8.43
N PRO A 207 12.65 -0.20 -7.74
CA PRO A 207 12.96 -0.67 -6.38
C PRO A 207 14.01 -1.78 -6.38
N ASP A 208 14.98 -1.63 -5.48
CA ASP A 208 16.05 -2.60 -5.29
C ASP A 208 15.54 -3.86 -4.54
N PRO A 209 16.36 -4.93 -4.44
CA PRO A 209 15.89 -6.16 -3.78
C PRO A 209 15.46 -6.02 -2.32
N SER A 210 15.99 -5.03 -1.59
CA SER A 210 15.53 -4.80 -0.21
C SER A 210 14.05 -4.40 -0.16
N VAL A 211 13.64 -3.55 -1.09
CA VAL A 211 12.25 -3.12 -1.21
C VAL A 211 11.35 -4.28 -1.66
N ILE A 212 11.75 -4.97 -2.72
CA ILE A 212 10.98 -6.10 -3.27
C ILE A 212 10.74 -7.18 -2.22
N THR A 213 11.80 -7.58 -1.52
CA THR A 213 11.69 -8.67 -0.55
C THR A 213 10.83 -8.30 0.66
N LEU A 214 10.90 -7.04 1.09
CA LEU A 214 10.01 -6.54 2.15
C LEU A 214 8.55 -6.63 1.71
N GLU A 215 8.24 -6.14 0.51
CA GLU A 215 6.88 -6.22 -0.05
C GLU A 215 6.39 -7.66 -0.08
N ASN A 216 7.21 -8.56 -0.60
CA ASN A 216 6.87 -9.98 -0.71
C ASN A 216 6.72 -10.69 0.62
N SER A 217 7.33 -10.14 1.67
CA SER A 217 7.37 -10.77 2.99
C SER A 217 6.45 -10.15 4.05
N TRP A 218 5.65 -9.14 3.67
CA TRP A 218 4.84 -8.41 4.66
C TRP A 218 3.92 -9.33 5.46
N GLY A 219 3.21 -10.21 4.77
CA GLY A 219 2.33 -11.19 5.41
C GLY A 219 3.07 -12.13 6.36
N ARG A 220 4.18 -12.68 5.88
CA ARG A 220 4.99 -13.60 6.68
C ARG A 220 5.63 -12.92 7.89
N LEU A 221 6.14 -11.70 7.70
CA LEU A 221 6.72 -10.92 8.80
C LEU A 221 5.66 -10.62 9.86
N SER A 222 4.47 -10.20 9.41
CA SER A 222 3.34 -9.93 10.31
C SER A 222 2.98 -11.16 11.15
N THR A 223 2.87 -12.31 10.48
CA THR A 223 2.55 -13.57 11.16
C THR A 223 3.66 -13.98 12.13
N ALA A 224 4.93 -13.90 11.69
CA ALA A 224 6.06 -14.29 12.53
C ALA A 224 6.15 -13.46 13.80
N ILE A 225 5.91 -12.15 13.67
CA ILE A 225 5.92 -11.25 14.83
C ILE A 225 4.77 -11.61 15.78
N GLN A 226 3.57 -11.76 15.23
CA GLN A 226 2.38 -12.01 16.04
C GLN A 226 2.38 -13.40 16.70
N GLU A 227 3.00 -14.38 16.04
CA GLU A 227 3.11 -15.74 16.59
C GLU A 227 4.38 -15.97 17.40
N SER A 228 5.23 -14.95 17.48
CA SER A 228 6.55 -15.07 18.12
C SER A 228 6.46 -15.40 19.61
N ASN A 229 7.52 -16.01 20.12
CA ASN A 229 7.66 -16.23 21.55
C ASN A 229 8.42 -15.06 22.16
N GLN A 230 7.67 -14.11 22.72
CA GLN A 230 8.22 -12.90 23.33
C GLN A 230 9.07 -12.06 22.35
N GLY A 231 8.72 -12.13 21.07
CA GLY A 231 9.47 -11.43 20.02
C GLY A 231 10.38 -12.31 19.18
N ALA A 232 10.68 -13.51 19.70
CA ALA A 232 11.59 -14.45 19.02
C ALA A 232 10.84 -15.32 18.02
N PHE A 233 11.34 -15.33 16.79
CA PHE A 233 10.75 -16.12 15.70
C PHE A 233 11.06 -17.60 15.92
N ALA A 234 10.10 -18.47 15.60
CA ALA A 234 10.34 -19.91 15.62
C ALA A 234 11.19 -20.33 14.41
N SER A 235 10.90 -19.70 13.27
CA SER A 235 11.64 -19.88 12.04
C SER A 235 12.15 -18.52 11.58
N PRO A 236 13.42 -18.46 11.13
CA PRO A 236 13.93 -17.20 10.58
C PRO A 236 13.28 -16.84 9.24
N ILE A 237 13.25 -15.55 8.92
CA ILE A 237 12.79 -15.07 7.62
C ILE A 237 13.97 -14.44 6.88
N GLN A 238 14.14 -14.85 5.62
CA GLN A 238 15.24 -14.35 4.80
C GLN A 238 14.78 -13.14 3.99
N LEU A 239 15.46 -12.02 4.20
CA LEU A 239 15.27 -10.82 3.40
C LEU A 239 16.53 -10.56 2.58
N GLN A 240 16.50 -9.54 1.74
CA GLN A 240 17.66 -9.13 0.96
C GLN A 240 18.09 -7.71 1.27
N ARG A 241 19.40 -7.47 1.22
CA ARG A 241 19.98 -6.14 1.29
C ARG A 241 19.85 -5.45 -0.07
N ARG A 242 20.23 -4.18 -0.13
CA ARG A 242 20.24 -3.39 -1.37
C ARG A 242 21.01 -4.06 -2.51
N ASN A 243 22.15 -4.69 -2.17
CA ASN A 243 22.99 -5.38 -3.16
C ASN A 243 22.53 -6.80 -3.53
N GLY A 244 21.45 -7.26 -2.88
CA GLY A 244 20.87 -8.57 -3.16
C GLY A 244 21.29 -9.70 -2.23
N SER A 245 22.26 -9.42 -1.34
CA SER A 245 22.74 -10.41 -0.37
C SER A 245 21.71 -10.68 0.72
N LYS A 246 21.77 -11.89 1.28
CA LYS A 246 20.79 -12.37 2.27
C LYS A 246 20.93 -11.73 3.64
N PHE A 247 19.79 -11.44 4.25
CA PHE A 247 19.69 -10.86 5.60
C PHE A 247 18.66 -11.69 6.38
N SER A 248 19.13 -12.39 7.40
CA SER A 248 18.28 -13.27 8.22
C SER A 248 17.64 -12.50 9.38
N VAL A 249 16.32 -12.66 9.53
CA VAL A 249 15.55 -12.02 10.59
C VAL A 249 15.12 -13.09 11.60
N TYR A 250 15.53 -12.92 12.85
CA TYR A 250 15.26 -13.88 13.93
C TYR A 250 14.31 -13.34 14.98
N ASP A 251 14.04 -12.03 14.94
CA ASP A 251 13.40 -11.34 16.04
C ASP A 251 12.68 -10.08 15.55
N VAL A 252 11.61 -9.72 16.25
CA VAL A 252 10.89 -8.48 16.00
C VAL A 252 11.77 -7.22 16.14
N SER A 253 12.75 -7.29 17.04
CA SER A 253 13.56 -6.12 17.42
C SER A 253 14.14 -5.37 16.22
N ILE A 254 14.75 -6.12 15.30
CA ILE A 254 15.38 -5.55 14.10
C ILE A 254 14.35 -4.93 13.13
N LEU A 255 13.09 -5.32 13.26
CA LEU A 255 12.02 -4.89 12.35
C LEU A 255 11.31 -3.61 12.81
N ILE A 256 11.49 -3.23 14.07
CA ILE A 256 10.82 -2.04 14.63
C ILE A 256 11.08 -0.76 13.79
N PRO A 257 12.35 -0.49 13.37
CA PRO A 257 12.57 0.65 12.47
C PRO A 257 12.14 0.44 11.02
N ILE A 258 11.77 -0.79 10.65
CA ILE A 258 11.53 -1.17 9.25
C ILE A 258 10.03 -1.23 8.91
N ILE A 259 9.26 -1.90 9.76
CA ILE A 259 7.83 -2.10 9.53
CA ILE A 259 7.83 -2.13 9.57
C ILE A 259 7.03 -1.12 10.38
N ALA A 260 6.15 -0.38 9.72
CA ALA A 260 5.28 0.60 10.38
C ALA A 260 3.93 0.04 10.79
N LEU A 261 3.40 -0.90 10.01
CA LEU A 261 2.08 -1.48 10.23
C LEU A 261 2.10 -2.95 9.88
N MET A 262 1.38 -3.76 10.65
CA MET A 262 1.20 -5.18 10.35
C MET A 262 -0.24 -5.49 9.99
N VAL A 263 -0.43 -6.49 9.13
CA VAL A 263 -1.76 -7.06 8.89
C VAL A 263 -2.10 -7.99 10.05
N TYR A 264 -3.37 -7.99 10.48
CA TYR A 264 -3.82 -8.90 11.54
C TYR A 264 -3.72 -10.35 11.08
N ARG A 265 -3.07 -11.17 11.92
CA ARG A 265 -2.86 -12.57 11.59
C ARG A 265 -3.34 -13.54 12.68
N CYS A 266 -3.18 -13.15 13.94
CA CYS A 266 -3.68 -13.91 15.08
C CYS A 266 -3.93 -12.98 16.26
N ALA A 267 -4.64 -13.49 17.27
CA ALA A 267 -4.88 -12.78 18.51
C ALA A 267 -3.60 -12.66 19.34
N PRO A 268 -3.41 -11.53 20.05
CA PRO A 268 -2.23 -11.41 20.92
C PRO A 268 -2.34 -12.31 22.16
N PRO A 269 -1.24 -13.01 22.52
CA PRO A 269 -1.25 -13.84 23.74
C PRO A 269 -1.23 -12.98 25.01
N PRO A 270 -1.82 -13.49 26.12
CA PRO A 270 -1.73 -12.78 27.40
C PRO A 270 -0.30 -12.80 27.95
N SER A 271 0.06 -11.73 28.66
CA SER A 271 1.35 -11.66 29.37
C SER A 271 1.35 -12.61 30.57
N SER A 272 2.55 -12.99 31.02
CA SER A 272 2.68 -13.88 32.17
C SER A 272 3.20 -13.14 33.41
N GLN A 273 2.48 -13.31 34.51
CA GLN A 273 2.81 -12.67 35.80
C GLN A 273 4.02 -13.36 36.44
N PHE A 274 5.03 -12.54 36.77
CA PHE A 274 6.29 -13.04 37.34
C PHE A 274 6.49 -12.56 38.78
#